data_4DSD
#
_entry.id   4DSD
#
_cell.length_a   107.381
_cell.length_b   107.381
_cell.length_c   63.010
_cell.angle_alpha   90.000
_cell.angle_beta   90.000
_cell.angle_gamma   90.000
#
_symmetry.space_group_name_H-M   'P 42 21 2'
#
loop_
_entity.id
_entity.type
_entity.pdbx_description
1 polymer 'putative periplasmic protein'
2 non-polymer 1,2-ETHANEDIOL
3 water water
#
_entity_poly.entity_id   1
_entity_poly.type   'polypeptide(L)'
_entity_poly.pdbx_seq_one_letter_code
;GKDVITKD(MSE)NQLPLPARNFINSNFTKPQVAHIKIDKD(MSE)(MSE)ESTKYEVVL(MSE)DGTEIDFDSKGNWEE
VSAKKGQTVPVSIVPGFAVNYLKAHNFVNEGVTKVERDRKGYEIELSTGLSFKFDKKGKFIKTDD
;
_entity_poly.pdbx_strand_id   A,B
#
# COMPACT_ATOMS: atom_id res chain seq x y z
N LYS A 2 -3.43 12.78 -18.13
CA LYS A 2 -4.70 12.31 -18.74
C LYS A 2 -4.73 10.78 -18.68
N ASP A 3 -5.82 10.19 -18.17
CA ASP A 3 -5.95 8.73 -18.12
C ASP A 3 -6.01 8.12 -19.52
N VAL A 4 -5.69 6.82 -19.61
CA VAL A 4 -5.69 6.11 -20.87
C VAL A 4 -6.21 4.70 -20.70
N ILE A 5 -7.09 4.30 -21.59
CA ILE A 5 -7.47 2.90 -21.72
C ILE A 5 -6.98 2.39 -23.05
N THR A 6 -6.24 1.30 -23.03
CA THR A 6 -5.68 0.73 -24.22
C THR A 6 -5.86 -0.78 -24.22
N LYS A 7 -5.84 -1.38 -25.40
CA LYS A 7 -5.90 -2.83 -25.46
C LYS A 7 -4.54 -3.37 -25.89
N ASP A 8 -3.55 -2.49 -25.94
CA ASP A 8 -2.20 -2.83 -26.44
C ASP A 8 -1.18 -3.18 -25.35
N ASN A 10 1.81 -3.75 -25.66
CA ASN A 10 3.10 -3.09 -25.92
C ASN A 10 3.25 -1.68 -25.37
N GLN A 11 2.21 -1.18 -24.74
CA GLN A 11 2.30 0.10 -24.04
C GLN A 11 2.90 -0.06 -22.63
N LEU A 12 3.01 -1.28 -22.15
CA LEU A 12 3.54 -1.60 -20.83
C LEU A 12 5.09 -1.60 -20.89
N PRO A 13 5.73 -1.21 -19.77
CA PRO A 13 7.17 -1.35 -19.65
C PRO A 13 7.61 -2.77 -19.89
N LEU A 14 8.83 -2.94 -20.41
CA LEU A 14 9.34 -4.27 -20.68
C LEU A 14 9.23 -5.27 -19.53
N PRO A 15 9.59 -4.88 -18.28
CA PRO A 15 9.50 -5.89 -17.20
C PRO A 15 8.07 -6.39 -16.95
N ALA A 16 7.10 -5.52 -17.18
CA ALA A 16 5.67 -5.91 -17.06
C ALA A 16 5.26 -6.91 -18.15
N ARG A 17 5.64 -6.64 -19.41
CA ARG A 17 5.39 -7.59 -20.52
C ARG A 17 6.06 -8.90 -20.33
N ASN A 18 7.32 -8.89 -19.90
CA ASN A 18 8.01 -10.12 -19.58
C ASN A 18 7.30 -10.92 -18.47
N PHE A 19 6.83 -10.25 -17.43
CA PHE A 19 6.16 -10.95 -16.33
C PHE A 19 4.90 -11.64 -16.84
N ILE A 20 4.11 -10.95 -17.66
CA ILE A 20 2.91 -11.56 -18.22
C ILE A 20 3.27 -12.74 -19.10
N ASN A 21 4.18 -12.50 -20.03
CA ASN A 21 4.62 -13.55 -20.96
C ASN A 21 5.14 -14.82 -20.28
N SER A 22 5.91 -14.66 -19.23
CA SER A 22 6.42 -15.80 -18.45
C SER A 22 5.50 -16.59 -17.55
N ASN A 23 4.38 -16.01 -17.12
CA ASN A 23 3.55 -16.59 -16.06
C ASN A 23 2.14 -16.98 -16.44
N PHE A 24 1.67 -16.49 -17.59
CA PHE A 24 0.30 -16.73 -18.02
C PHE A 24 0.24 -17.47 -19.33
N THR A 25 -0.72 -18.39 -19.44
CA THR A 25 -0.92 -19.18 -20.64
C THR A 25 -1.70 -18.35 -21.67
N LYS A 26 -1.10 -18.19 -22.84
CA LYS A 26 -1.73 -17.48 -23.96
C LYS A 26 -2.43 -16.21 -23.49
N PRO A 27 -1.69 -15.29 -22.85
CA PRO A 27 -2.34 -14.09 -22.35
C PRO A 27 -2.80 -13.12 -23.42
N GLN A 28 -3.98 -12.56 -23.25
CA GLN A 28 -4.46 -11.52 -24.14
C GLN A 28 -5.12 -10.44 -23.33
N VAL A 29 -4.87 -9.20 -23.71
CA VAL A 29 -5.40 -8.04 -22.99
C VAL A 29 -6.88 -7.87 -23.21
N ALA A 30 -7.64 -7.71 -22.14
CA ALA A 30 -9.02 -7.23 -22.17
C ALA A 30 -8.94 -5.71 -22.20
N HIS A 31 -8.34 -5.12 -21.18
CA HIS A 31 -8.01 -3.69 -21.22
C HIS A 31 -6.93 -3.33 -20.25
N ILE A 32 -6.27 -2.22 -20.50
CA ILE A 32 -5.21 -1.71 -19.64
C ILE A 32 -5.56 -0.27 -19.34
N LYS A 33 -5.55 0.09 -18.06
CA LYS A 33 -5.67 1.47 -17.67
C LYS A 33 -4.30 2.02 -17.24
N ILE A 34 -3.94 3.17 -17.80
CA ILE A 34 -2.70 3.87 -17.46
C ILE A 34 -3.10 5.19 -16.78
N ASP A 35 -2.76 5.34 -15.51
CA ASP A 35 -3.02 6.60 -14.79
C ASP A 35 -1.85 6.99 -13.87
N LYS A 36 -2.08 7.92 -12.96
CA LYS A 36 -1.10 8.29 -11.97
C LYS A 36 -1.62 8.17 -10.54
N ASP A 37 -0.70 7.93 -9.61
CA ASP A 37 -1.06 7.93 -8.22
C ASP A 37 -0.94 9.39 -7.74
N GLU A 40 2.15 11.50 -8.33
CA GLU A 40 2.43 11.71 -9.76
C GLU A 40 3.22 10.59 -10.47
N SER A 41 3.16 9.39 -9.92
CA SER A 41 3.87 8.24 -10.45
C SER A 41 2.91 7.43 -11.33
N THR A 42 3.38 7.04 -12.52
CA THR A 42 2.54 6.25 -13.43
C THR A 42 2.26 4.85 -12.88
N LYS A 43 1.00 4.45 -13.06
CA LYS A 43 0.48 3.15 -12.64
C LYS A 43 -0.22 2.45 -13.83
N TYR A 44 -0.11 1.12 -13.89
CA TYR A 44 -0.73 0.31 -14.93
C TYR A 44 -1.64 -0.69 -14.30
N GLU A 45 -2.89 -0.78 -14.76
CA GLU A 45 -3.82 -1.82 -14.31
CA GLU A 45 -3.82 -1.77 -14.30
C GLU A 45 -4.23 -2.63 -15.51
N VAL A 46 -3.77 -3.89 -15.54
CA VAL A 46 -3.93 -4.76 -16.70
C VAL A 46 -5.01 -5.81 -16.37
N VAL A 47 -6.05 -5.89 -17.21
CA VAL A 47 -6.98 -7.01 -17.12
C VAL A 47 -6.94 -7.92 -18.34
N LEU A 48 -6.66 -9.21 -18.11
CA LEU A 48 -6.58 -10.18 -19.16
C LEU A 48 -7.95 -10.78 -19.51
N ASP A 50 -8.74 -13.82 -19.61
CA ASP A 50 -9.07 -14.86 -18.62
C ASP A 50 -9.59 -14.33 -17.29
N GLY A 51 -9.76 -13.01 -17.17
CA GLY A 51 -10.27 -12.35 -15.97
C GLY A 51 -9.22 -11.87 -14.94
N THR A 52 -7.97 -12.32 -15.07
CA THR A 52 -6.93 -11.92 -14.10
C THR A 52 -6.59 -10.45 -14.19
N GLU A 53 -6.45 -9.79 -13.05
CA GLU A 53 -5.94 -8.43 -13.01
C GLU A 53 -4.52 -8.37 -12.46
N ILE A 54 -3.65 -7.65 -13.16
CA ILE A 54 -2.27 -7.43 -12.72
C ILE A 54 -2.01 -5.94 -12.67
N ASP A 55 -1.59 -5.43 -11.50
CA ASP A 55 -1.28 -4.01 -11.32
C ASP A 55 0.23 -3.85 -11.27
N PHE A 56 0.77 -2.89 -12.02
CA PHE A 56 2.19 -2.63 -12.07
C PHE A 56 2.51 -1.17 -11.70
N ASP A 57 3.70 -1.01 -11.12
CA ASP A 57 4.28 0.30 -10.89
C ASP A 57 4.89 0.89 -12.17
N SER A 58 5.50 2.07 -12.06
CA SER A 58 5.89 2.83 -13.22
C SER A 58 7.06 2.17 -13.96
N LYS A 59 7.79 1.34 -13.25
CA LYS A 59 8.94 0.61 -13.81
C LYS A 59 8.55 -0.76 -14.36
N GLY A 60 7.27 -1.11 -14.24
CA GLY A 60 6.81 -2.43 -14.60
C GLY A 60 6.93 -3.55 -13.60
N ASN A 61 7.14 -3.20 -12.31
CA ASN A 61 7.13 -4.19 -11.23
C ASN A 61 5.71 -4.50 -10.81
N TRP A 62 5.34 -5.78 -10.84
CA TRP A 62 4.03 -6.16 -10.33
C TRP A 62 3.82 -5.80 -8.87
N GLU A 63 2.61 -5.36 -8.57
CA GLU A 63 2.16 -5.00 -7.25
CA GLU A 63 2.25 -5.02 -7.20
C GLU A 63 1.09 -5.93 -6.71
N GLU A 64 0.27 -6.43 -7.62
CA GLU A 64 -0.81 -7.31 -7.28
C GLU A 64 -1.22 -8.15 -8.48
N VAL A 65 -1.53 -9.42 -8.23
CA VAL A 65 -2.16 -10.34 -9.22
C VAL A 65 -3.43 -10.89 -8.55
N SER A 66 -4.57 -10.74 -9.20
CA SER A 66 -5.89 -11.13 -8.63
CA SER A 66 -5.86 -11.14 -8.61
C SER A 66 -6.66 -11.93 -9.65
N ALA A 67 -7.09 -13.14 -9.31
CA ALA A 67 -7.82 -13.98 -10.26
C ALA A 67 -9.36 -13.73 -10.16
N LYS A 68 -10.08 -13.96 -11.26
CA LYS A 68 -11.55 -13.88 -11.25
C LYS A 68 -12.14 -15.00 -10.39
N LYS A 69 -13.34 -14.73 -9.83
CA LYS A 69 -14.08 -15.68 -9.00
C LYS A 69 -14.15 -17.03 -9.69
N GLY A 70 -13.79 -18.08 -8.95
CA GLY A 70 -13.76 -19.44 -9.49
C GLY A 70 -12.51 -19.79 -10.28
N GLN A 71 -11.61 -18.84 -10.44
CA GLN A 71 -10.30 -19.13 -10.99
C GLN A 71 -9.23 -18.86 -9.90
N THR A 72 -7.99 -19.22 -10.19
CA THR A 72 -6.87 -19.03 -9.24
C THR A 72 -5.70 -18.51 -10.05
N VAL A 73 -4.70 -17.93 -9.38
CA VAL A 73 -3.53 -17.35 -10.00
C VAL A 73 -2.52 -18.45 -10.35
N PRO A 74 -1.67 -18.19 -11.34
CA PRO A 74 -0.61 -19.17 -11.63
C PRO A 74 0.29 -19.44 -10.42
N VAL A 75 0.48 -20.71 -10.07
CA VAL A 75 1.37 -21.07 -8.95
C VAL A 75 2.76 -20.42 -9.13
N SER A 76 3.16 -20.18 -10.38
CA SER A 76 4.48 -19.56 -10.62
C SER A 76 4.76 -18.19 -10.05
N ILE A 77 3.70 -17.41 -9.85
CA ILE A 77 3.82 -16.06 -9.31
C ILE A 77 3.83 -16.05 -7.75
N VAL A 78 3.47 -17.18 -7.15
CA VAL A 78 3.33 -17.23 -5.69
C VAL A 78 4.75 -17.27 -5.16
N PRO A 79 5.13 -16.33 -4.30
CA PRO A 79 6.49 -16.32 -3.76
C PRO A 79 6.87 -17.58 -3.03
N GLY A 80 8.13 -17.98 -3.14
CA GLY A 80 8.62 -19.22 -2.50
C GLY A 80 8.21 -19.39 -1.06
N PHE A 81 8.39 -18.37 -0.25
CA PHE A 81 8.09 -18.48 1.18
C PHE A 81 6.61 -18.81 1.40
N ALA A 82 5.75 -18.33 0.52
CA ALA A 82 4.28 -18.52 0.62
C ALA A 82 3.89 -19.90 0.13
N VAL A 83 4.55 -20.40 -0.92
CA VAL A 83 4.39 -21.79 -1.31
C VAL A 83 4.76 -22.69 -0.15
N ASN A 84 5.88 -22.40 0.53
CA ASN A 84 6.30 -23.17 1.66
C ASN A 84 5.29 -23.17 2.82
N TYR A 85 4.71 -22.00 3.10
CA TYR A 85 3.70 -21.81 4.13
C TYR A 85 2.44 -22.60 3.82
N LEU A 86 2.01 -22.55 2.58
CA LEU A 86 0.80 -23.29 2.16
C LEU A 86 1.00 -24.77 2.23
N LYS A 87 2.19 -25.25 1.85
CA LYS A 87 2.51 -26.64 2.05
C LYS A 87 2.60 -27.07 3.53
N ALA A 88 3.25 -26.26 4.36
CA ALA A 88 3.37 -26.55 5.77
C ALA A 88 1.98 -26.66 6.47
N HIS A 89 0.99 -25.95 5.97
CA HIS A 89 -0.32 -25.95 6.59
C HIS A 89 -1.39 -26.66 5.78
N ASN A 90 -0.97 -27.47 4.81
CA ASN A 90 -1.88 -28.26 4.00
C ASN A 90 -2.98 -27.45 3.33
N PHE A 91 -2.57 -26.37 2.70
CA PHE A 91 -3.46 -25.51 1.92
C PHE A 91 -3.10 -25.49 0.42
N VAL A 92 -2.36 -26.50 -0.02
CA VAL A 92 -1.89 -26.60 -1.44
C VAL A 92 -3.04 -26.75 -2.42
N ASN A 93 -4.15 -27.33 -1.95
CA ASN A 93 -5.29 -27.60 -2.83
C ASN A 93 -6.44 -26.57 -2.76
N GLU A 94 -6.23 -25.46 -2.05
CA GLU A 94 -7.28 -24.48 -1.96
C GLU A 94 -7.29 -23.58 -3.20
N GLY A 95 -6.10 -23.25 -3.68
CA GLY A 95 -5.97 -22.31 -4.82
C GLY A 95 -5.73 -20.90 -4.28
N VAL A 96 -4.75 -20.23 -4.84
CA VAL A 96 -4.48 -18.81 -4.47
C VAL A 96 -5.19 -17.92 -5.49
N THR A 97 -5.97 -16.99 -4.97
CA THR A 97 -6.74 -16.07 -5.77
C THR A 97 -6.14 -14.66 -5.80
N LYS A 98 -5.26 -14.32 -4.84
CA LYS A 98 -4.63 -12.99 -4.84
CA LYS A 98 -4.62 -12.99 -4.83
C LYS A 98 -3.25 -13.02 -4.20
N VAL A 99 -2.31 -12.37 -4.85
CA VAL A 99 -1.00 -12.13 -4.29
C VAL A 99 -0.74 -10.62 -4.39
N GLU A 100 -0.34 -9.99 -3.30
CA GLU A 100 -0.08 -8.55 -3.26
CA GLU A 100 -0.03 -8.54 -3.30
C GLU A 100 1.23 -8.31 -2.56
N ARG A 101 1.99 -7.33 -3.01
CA ARG A 101 3.18 -6.90 -2.31
C ARG A 101 3.26 -5.40 -2.26
N ASP A 102 3.80 -4.92 -1.14
CA ASP A 102 4.01 -3.52 -0.95
C ASP A 102 5.04 -3.28 0.11
N ARG A 103 5.15 -2.02 0.55
CA ARG A 103 6.20 -1.71 1.57
C ARG A 103 6.10 -2.44 2.83
N LYS A 104 4.90 -2.93 3.20
CA LYS A 104 4.70 -3.67 4.43
C LYS A 104 4.97 -5.19 4.33
N GLY A 105 5.00 -5.70 3.10
CA GLY A 105 5.26 -7.11 2.87
C GLY A 105 4.35 -7.66 1.83
N TYR A 106 3.71 -8.78 2.17
CA TYR A 106 2.97 -9.59 1.20
C TYR A 106 1.64 -10.00 1.77
N GLU A 107 0.66 -10.14 0.87
CA GLU A 107 -0.64 -10.70 1.25
C GLU A 107 -0.98 -11.82 0.26
N ILE A 108 -1.44 -12.96 0.77
CA ILE A 108 -1.85 -14.10 -0.04
C ILE A 108 -3.29 -14.40 0.36
N GLU A 109 -4.19 -14.47 -0.61
CA GLU A 109 -5.59 -14.87 -0.39
CA GLU A 109 -5.59 -14.88 -0.37
C GLU A 109 -5.89 -16.18 -1.11
N LEU A 110 -6.62 -17.08 -0.45
CA LEU A 110 -7.07 -18.35 -1.03
C LEU A 110 -8.50 -18.29 -1.55
N SER A 111 -8.86 -19.26 -2.40
CA SER A 111 -10.20 -19.34 -3.03
C SER A 111 -11.35 -19.26 -2.07
N THR A 112 -11.12 -19.77 -0.87
CA THR A 112 -12.11 -19.69 0.24
C THR A 112 -12.28 -18.32 0.88
N GLY A 113 -11.32 -17.43 0.69
CA GLY A 113 -11.39 -16.13 1.36
C GLY A 113 -10.44 -16.06 2.56
N LEU A 114 -9.90 -17.21 3.00
CA LEU A 114 -8.80 -17.17 3.96
C LEU A 114 -7.60 -16.41 3.42
N SER A 115 -7.09 -15.50 4.22
CA SER A 115 -5.98 -14.68 3.77
C SER A 115 -4.94 -14.51 4.84
N PHE A 116 -3.71 -14.29 4.40
CA PHE A 116 -2.58 -14.22 5.26
C PHE A 116 -1.70 -13.05 4.85
N LYS A 117 -1.21 -12.29 5.83
CA LYS A 117 -0.20 -11.27 5.57
C LYS A 117 1.11 -11.63 6.18
N PHE A 118 2.17 -11.23 5.52
CA PHE A 118 3.54 -11.53 5.85
C PHE A 118 4.34 -10.25 5.75
N ASP A 119 5.44 -10.18 6.47
CA ASP A 119 6.31 -9.01 6.36
C ASP A 119 7.30 -9.18 5.19
N LYS A 120 8.20 -8.22 5.03
CA LYS A 120 9.09 -8.24 3.89
C LYS A 120 10.08 -9.43 3.88
N LYS A 121 10.29 -10.04 5.03
CA LYS A 121 11.16 -11.22 5.11
C LYS A 121 10.34 -12.52 4.96
N GLY A 122 9.03 -12.42 4.74
CA GLY A 122 8.17 -13.62 4.59
C GLY A 122 7.65 -14.22 5.90
N LYS A 123 7.68 -13.44 6.98
CA LYS A 123 7.22 -13.91 8.25
C LYS A 123 5.79 -13.50 8.49
N PHE A 124 4.98 -14.47 8.91
CA PHE A 124 3.60 -14.18 9.16
C PHE A 124 3.47 -13.04 10.17
N ILE A 125 2.62 -12.07 9.89
CA ILE A 125 2.48 -10.93 10.78
C ILE A 125 1.48 -11.24 11.87
N LYS A 126 1.99 -11.37 13.09
CA LYS A 126 1.14 -11.61 14.26
C LYS A 126 0.40 -10.30 14.56
N THR A 127 -0.93 -10.37 14.61
CA THR A 127 -1.83 -9.19 14.57
C THR A 127 -3.05 -9.43 15.45
N LYS B 2 22.40 -1.81 2.98
CA LYS B 2 22.05 -2.40 4.30
C LYS B 2 21.33 -1.37 5.17
N ASP B 3 20.41 -1.85 6.02
CA ASP B 3 19.57 -1.00 6.88
C ASP B 3 20.40 -0.09 7.79
N VAL B 4 19.97 1.16 7.88
CA VAL B 4 20.57 2.15 8.74
C VAL B 4 19.54 2.51 9.78
N ILE B 5 19.96 2.53 11.06
CA ILE B 5 19.21 3.16 12.14
C ILE B 5 19.95 4.42 12.55
N THR B 6 19.21 5.51 12.64
CA THR B 6 19.78 6.80 12.90
C THR B 6 18.83 7.63 13.72
N LYS B 7 19.35 8.64 14.42
CA LYS B 7 18.48 9.59 15.14
C LYS B 7 18.62 10.97 14.54
N ASP B 8 19.36 11.06 13.43
CA ASP B 8 19.62 12.33 12.74
C ASP B 8 18.54 12.67 11.72
N ASN B 10 18.45 15.00 9.67
CA ASN B 10 19.02 15.40 8.38
C ASN B 10 19.38 14.28 7.38
N GLN B 11 19.25 13.03 7.81
CA GLN B 11 19.36 11.87 6.92
C GLN B 11 18.05 11.69 6.14
N LEU B 12 17.00 12.41 6.53
CA LEU B 12 15.76 12.37 5.76
C LEU B 12 15.80 13.32 4.57
N PRO B 13 15.09 12.96 3.50
CA PRO B 13 14.89 13.90 2.39
C PRO B 13 14.26 15.16 2.82
N LEU B 14 14.59 16.25 2.13
CA LEU B 14 14.06 17.55 2.52
C LEU B 14 12.52 17.59 2.64
N PRO B 15 11.78 17.00 1.69
CA PRO B 15 10.30 17.06 1.85
C PRO B 15 9.77 16.37 3.11
N ALA B 16 10.48 15.32 3.56
CA ALA B 16 10.11 14.64 4.82
C ALA B 16 10.36 15.55 6.04
N ARG B 17 11.50 16.25 6.06
CA ARG B 17 11.80 17.18 7.15
CA ARG B 17 11.79 17.18 7.15
C ARG B 17 10.79 18.31 7.16
N ASN B 18 10.47 18.84 5.99
CA ASN B 18 9.47 19.89 5.91
C ASN B 18 8.11 19.44 6.39
N PHE B 19 7.71 18.22 5.99
CA PHE B 19 6.42 17.69 6.48
C PHE B 19 6.36 17.59 8.01
N ILE B 20 7.44 17.13 8.62
CA ILE B 20 7.49 17.03 10.06
C ILE B 20 7.50 18.43 10.72
N ASN B 21 8.40 19.31 10.27
CA ASN B 21 8.53 20.62 10.89
C ASN B 21 7.32 21.51 10.72
N SER B 22 6.64 21.34 9.61
CA SER B 22 5.47 22.18 9.29
C SER B 22 4.22 21.79 9.98
N ASN B 23 4.13 20.57 10.54
CA ASN B 23 2.87 20.04 11.05
C ASN B 23 2.84 19.63 12.50
N PHE B 24 3.96 19.07 12.97
CA PHE B 24 4.05 18.43 14.28
C PHE B 24 4.54 19.33 15.39
N THR B 25 3.85 19.24 16.54
CA THR B 25 4.25 19.98 17.72
C THR B 25 5.61 19.53 18.27
N LYS B 26 6.55 20.46 18.44
CA LYS B 26 7.92 20.23 18.95
C LYS B 26 8.47 18.86 18.62
N PRO B 27 8.74 18.61 17.34
CA PRO B 27 9.05 17.21 17.03
C PRO B 27 10.47 16.84 17.43
N GLN B 28 10.65 15.62 17.93
CA GLN B 28 11.96 15.08 18.30
C GLN B 28 11.99 13.63 17.77
N VAL B 29 13.04 13.27 17.05
CA VAL B 29 13.24 11.88 16.53
C VAL B 29 13.59 10.89 17.64
N ALA B 30 12.80 9.81 17.77
CA ALA B 30 13.16 8.66 18.60
C ALA B 30 14.10 7.76 17.82
N HIS B 31 13.68 7.32 16.64
CA HIS B 31 14.58 6.59 15.73
CA HIS B 31 14.57 6.60 15.74
C HIS B 31 14.10 6.73 14.32
N ILE B 32 15.03 6.65 13.38
CA ILE B 32 14.73 6.54 11.97
C ILE B 32 15.32 5.23 11.42
N LYS B 33 14.51 4.43 10.73
CA LYS B 33 15.03 3.27 10.04
C LYS B 33 15.03 3.56 8.54
N ILE B 34 16.16 3.31 7.88
CA ILE B 34 16.29 3.46 6.42
C ILE B 34 16.50 2.09 5.85
N ASP B 35 15.62 1.71 4.93
CA ASP B 35 15.72 0.39 4.35
C ASP B 35 15.20 0.43 2.92
N LYS B 36 15.00 -0.75 2.32
CA LYS B 36 14.44 -0.82 0.98
C LYS B 36 13.25 -1.77 0.93
N ASP B 37 12.32 -1.47 0.03
CA ASP B 37 11.22 -2.37 -0.27
C ASP B 37 11.76 -3.44 -1.25
N GLU B 40 13.51 -2.60 -4.43
CA GLU B 40 14.78 -1.88 -4.18
C GLU B 40 14.65 -0.36 -4.07
N SER B 41 13.48 0.15 -3.68
CA SER B 41 13.30 1.57 -3.48
C SER B 41 13.53 1.88 -1.99
N THR B 42 14.24 2.99 -1.71
CA THR B 42 14.54 3.39 -0.33
C THR B 42 13.28 3.82 0.37
N LYS B 43 13.17 3.42 1.63
CA LYS B 43 12.03 3.76 2.47
C LYS B 43 12.55 4.30 3.79
N TYR B 44 11.78 5.20 4.42
CA TYR B 44 12.13 5.74 5.70
C TYR B 44 10.98 5.49 6.68
N GLU B 45 11.30 4.96 7.86
CA GLU B 45 10.31 4.81 8.93
CA GLU B 45 10.32 4.80 8.91
C GLU B 45 10.79 5.65 10.08
N VAL B 46 10.03 6.69 10.42
CA VAL B 46 10.44 7.66 11.44
C VAL B 46 9.50 7.54 12.61
N VAL B 47 10.05 7.30 13.80
CA VAL B 47 9.27 7.35 15.02
C VAL B 47 9.71 8.54 15.86
N LEU B 48 8.73 9.37 16.19
CA LEU B 48 8.92 10.58 17.01
C LEU B 48 8.80 10.23 18.50
N ASP B 50 6.98 11.52 20.61
CA ASP B 50 5.60 11.49 21.01
C ASP B 50 4.83 10.23 20.57
N GLY B 51 5.55 9.31 19.95
CA GLY B 51 5.04 8.01 19.59
C GLY B 51 4.49 7.86 18.19
N THR B 52 4.44 8.97 17.46
CA THR B 52 3.95 8.96 16.09
C THR B 52 4.90 8.29 15.18
N GLU B 53 4.38 7.47 14.29
CA GLU B 53 5.20 6.86 13.24
C GLU B 53 4.83 7.49 11.92
N ILE B 54 5.84 7.93 11.18
CA ILE B 54 5.62 8.45 9.82
C ILE B 54 6.47 7.65 8.88
N ASP B 55 5.82 7.06 7.87
CA ASP B 55 6.57 6.36 6.84
C ASP B 55 6.63 7.20 5.59
N PHE B 56 7.83 7.31 5.00
CA PHE B 56 8.05 8.06 3.79
C PHE B 56 8.62 7.21 2.67
N ASP B 57 8.33 7.61 1.44
CA ASP B 57 8.91 7.01 0.26
C ASP B 57 10.28 7.65 -0.01
N SER B 58 10.91 7.19 -1.09
CA SER B 58 12.29 7.52 -1.37
C SER B 58 12.50 9.00 -1.60
N LYS B 59 11.43 9.69 -2.00
CA LYS B 59 11.50 11.13 -2.27
C LYS B 59 11.10 11.98 -1.08
N GLY B 60 10.75 11.34 0.04
CA GLY B 60 10.30 12.03 1.23
C GLY B 60 8.81 12.37 1.26
N ASN B 61 8.02 11.75 0.39
CA ASN B 61 6.56 11.85 0.45
C ASN B 61 5.99 10.92 1.52
N TRP B 62 5.16 11.44 2.43
CA TRP B 62 4.61 10.57 3.43
C TRP B 62 3.67 9.55 2.77
N GLU B 63 3.68 8.37 3.35
CA GLU B 63 2.81 7.25 2.95
CA GLU B 63 2.80 7.25 2.91
C GLU B 63 1.78 6.93 4.02
N GLU B 64 2.17 7.12 5.27
CA GLU B 64 1.34 6.82 6.41
C GLU B 64 1.79 7.60 7.64
N VAL B 65 0.84 8.10 8.38
CA VAL B 65 1.10 8.73 9.68
C VAL B 65 0.15 8.03 10.66
N SER B 66 0.73 7.46 11.72
CA SER B 66 0.01 6.73 12.73
CA SER B 66 0.01 6.72 12.72
C SER B 66 0.38 7.24 14.12
N ALA B 67 -0.62 7.72 14.86
CA ALA B 67 -0.40 8.21 16.20
C ALA B 67 -0.34 7.01 17.12
N LYS B 68 0.35 7.18 18.25
CA LYS B 68 0.41 6.20 19.36
C LYS B 68 -1.02 5.97 19.81
N LYS B 69 -1.33 4.75 20.25
CA LYS B 69 -2.68 4.37 20.68
C LYS B 69 -3.05 5.34 21.80
N GLY B 70 -4.24 5.91 21.70
CA GLY B 70 -4.65 6.98 22.62
C GLY B 70 -4.13 8.39 22.31
N GLN B 71 -3.54 8.58 21.12
CA GLN B 71 -3.21 9.91 20.62
C GLN B 71 -3.80 10.18 19.21
N THR B 72 -3.58 11.39 18.68
CA THR B 72 -4.10 11.81 17.36
C THR B 72 -2.94 12.41 16.53
N VAL B 73 -3.22 12.70 15.25
CA VAL B 73 -2.28 13.36 14.36
C VAL B 73 -2.74 14.80 14.20
N PRO B 74 -1.80 15.71 13.89
CA PRO B 74 -2.17 17.09 13.56
C PRO B 74 -3.18 17.15 12.42
N VAL B 75 -4.27 17.89 12.62
CA VAL B 75 -5.31 17.93 11.60
C VAL B 75 -4.82 18.58 10.34
N SER B 76 -3.72 19.33 10.41
CA SER B 76 -3.14 19.96 9.25
C SER B 76 -2.57 18.95 8.22
N ILE B 77 -2.33 17.73 8.65
CA ILE B 77 -1.86 16.68 7.72
C ILE B 77 -2.98 15.93 6.99
N VAL B 78 -4.21 16.04 7.50
CA VAL B 78 -5.33 15.31 6.91
C VAL B 78 -5.68 15.93 5.54
N PRO B 79 -5.77 15.09 4.49
CA PRO B 79 -6.09 15.62 3.15
C PRO B 79 -7.34 16.46 3.18
N GLY B 80 -7.37 17.53 2.39
CA GLY B 80 -8.48 18.45 2.43
C GLY B 80 -9.84 17.87 2.15
N PHE B 81 -9.93 17.01 1.13
CA PHE B 81 -11.16 16.32 0.80
C PHE B 81 -11.66 15.53 2.01
N ALA B 82 -10.74 14.99 2.80
CA ALA B 82 -11.10 14.17 3.99
C ALA B 82 -11.58 15.06 5.12
N VAL B 83 -10.94 16.20 5.31
CA VAL B 83 -11.46 17.18 6.26
C VAL B 83 -12.86 17.62 5.86
N ASN B 84 -13.07 17.87 4.56
CA ASN B 84 -14.40 18.27 4.10
C ASN B 84 -15.46 17.23 4.37
N TYR B 85 -15.09 15.95 4.13
CA TYR B 85 -15.95 14.84 4.33
C TYR B 85 -16.35 14.73 5.81
N LEU B 86 -15.36 14.81 6.69
CA LEU B 86 -15.61 14.70 8.14
C LEU B 86 -16.42 15.87 8.66
N LYS B 87 -16.22 17.06 8.11
CA LYS B 87 -17.10 18.16 8.46
C LYS B 87 -18.52 17.99 7.98
N ALA B 88 -18.69 17.54 6.73
CA ALA B 88 -19.98 17.35 6.15
C ALA B 88 -20.80 16.33 6.97
N HIS B 89 -20.10 15.39 7.62
CA HIS B 89 -20.73 14.36 8.39
C HIS B 89 -20.57 14.49 9.87
N ASN B 90 -20.16 15.68 10.32
CA ASN B 90 -20.15 16.03 11.75
C ASN B 90 -19.29 15.04 12.58
N PHE B 91 -18.13 14.69 12.04
CA PHE B 91 -17.14 13.91 12.76
C PHE B 91 -15.95 14.86 13.14
N VAL B 92 -16.21 16.05 13.66
CA VAL B 92 -15.11 17.01 13.99
C VAL B 92 -14.61 16.85 15.44
N ASN B 93 -15.53 16.44 16.29
CA ASN B 93 -15.21 16.10 17.68
CA ASN B 93 -15.25 16.06 17.66
C ASN B 93 -13.96 15.21 17.82
N GLU B 94 -13.86 14.09 17.09
CA GLU B 94 -13.01 12.95 17.46
CA GLU B 94 -13.00 13.05 17.65
C GLU B 94 -11.52 13.06 17.25
N GLY B 95 -11.17 13.74 16.23
CA GLY B 95 -9.74 13.58 15.82
C GLY B 95 -9.31 12.30 15.12
N VAL B 96 -8.28 12.46 14.32
CA VAL B 96 -7.76 11.41 13.44
C VAL B 96 -6.52 10.79 14.06
N THR B 97 -6.48 9.46 14.03
CA THR B 97 -5.38 8.68 14.60
CA THR B 97 -5.37 8.70 14.60
C THR B 97 -4.46 8.13 13.54
N LYS B 98 -4.94 7.99 12.31
CA LYS B 98 -4.13 7.43 11.23
CA LYS B 98 -4.13 7.44 11.23
C LYS B 98 -4.58 8.00 9.90
N VAL B 99 -3.60 8.36 9.06
CA VAL B 99 -3.83 8.74 7.68
CA VAL B 99 -3.87 8.68 7.66
C VAL B 99 -2.88 7.90 6.82
N GLU B 100 -3.39 7.30 5.76
CA GLU B 100 -2.57 6.48 4.89
C GLU B 100 -2.99 6.75 3.44
N ARG B 101 -2.02 6.73 2.54
CA ARG B 101 -2.29 6.85 1.13
C ARG B 101 -1.39 5.89 0.34
N ASP B 102 -1.98 5.42 -0.73
CA ASP B 102 -1.29 4.49 -1.64
C ASP B 102 -1.97 4.47 -2.97
N ARG B 103 -1.57 3.52 -3.84
CA ARG B 103 -2.10 3.52 -5.19
C ARG B 103 -3.57 3.32 -5.29
N LYS B 104 -4.19 2.79 -4.21
CA LYS B 104 -5.62 2.55 -4.19
C LYS B 104 -6.47 3.70 -3.63
N GLY B 105 -5.84 4.70 -3.03
CA GLY B 105 -6.57 5.79 -2.43
C GLY B 105 -6.08 6.11 -1.05
N TYR B 106 -7.00 6.45 -0.17
CA TYR B 106 -6.69 6.97 1.17
C TYR B 106 -7.46 6.21 2.22
N GLU B 107 -6.87 6.11 3.40
CA GLU B 107 -7.58 5.63 4.57
C GLU B 107 -7.43 6.63 5.70
N ILE B 108 -8.52 6.95 6.38
CA ILE B 108 -8.53 7.87 7.51
C ILE B 108 -9.22 7.16 8.64
N GLU B 109 -8.55 7.05 9.77
CA GLU B 109 -9.12 6.42 10.94
C GLU B 109 -9.26 7.41 12.03
N LEU B 110 -10.41 7.43 12.72
CA LEU B 110 -10.68 8.36 13.79
C LEU B 110 -10.26 7.78 15.13
N SER B 111 -10.15 8.64 16.12
CA SER B 111 -9.76 8.21 17.46
C SER B 111 -10.70 7.16 18.08
N THR B 112 -11.95 7.16 17.65
CA THR B 112 -12.96 6.13 18.02
C THR B 112 -12.75 4.76 17.41
N GLY B 113 -11.89 4.64 16.41
CA GLY B 113 -11.69 3.40 15.65
C GLY B 113 -12.48 3.36 14.35
N LEU B 114 -13.40 4.32 14.16
CA LEU B 114 -14.12 4.38 12.88
C LEU B 114 -13.18 4.76 11.77
N SER B 115 -13.22 3.98 10.70
CA SER B 115 -12.28 4.14 9.63
C SER B 115 -13.00 4.31 8.28
N PHE B 116 -12.47 5.15 7.42
CA PHE B 116 -13.02 5.48 6.12
C PHE B 116 -11.95 5.31 5.03
N LYS B 117 -12.31 4.62 3.97
CA LYS B 117 -11.45 4.44 2.80
C LYS B 117 -12.03 5.23 1.65
N PHE B 118 -11.15 5.93 0.94
CA PHE B 118 -11.49 6.65 -0.26
C PHE B 118 -10.64 6.16 -1.41
N ASP B 119 -11.14 6.36 -2.63
CA ASP B 119 -10.32 6.16 -3.84
C ASP B 119 -9.41 7.37 -4.12
N LYS B 120 -8.66 7.36 -5.23
CA LYS B 120 -7.71 8.47 -5.48
C LYS B 120 -8.32 9.83 -5.73
N LYS B 121 -9.57 9.83 -6.11
CA LYS B 121 -10.31 11.06 -6.40
C LYS B 121 -11.07 11.50 -5.16
N GLY B 122 -10.81 10.87 -4.02
CA GLY B 122 -11.43 11.24 -2.75
C GLY B 122 -12.88 10.85 -2.62
N LYS B 123 -13.32 9.86 -3.39
CA LYS B 123 -14.68 9.37 -3.31
C LYS B 123 -14.71 8.15 -2.38
N PHE B 124 -15.72 8.09 -1.53
CA PHE B 124 -15.83 7.00 -0.58
C PHE B 124 -15.96 5.64 -1.28
N ILE B 125 -15.23 4.63 -0.80
CA ILE B 125 -15.15 3.38 -1.50
C ILE B 125 -16.23 2.47 -1.00
N LYS B 126 -17.24 2.31 -1.87
CA LYS B 126 -18.40 1.45 -1.63
C LYS B 126 -18.03 -0.03 -1.79
N THR B 127 -18.71 -0.87 -1.01
CA THR B 127 -18.62 -2.33 -1.15
C THR B 127 -20.03 -2.93 -1.02
#